data_5H28
#
_entry.id   5H28
#
_cell.length_a   29.465
_cell.length_b   72.202
_cell.length_c   49.008
_cell.angle_alpha   90.00
_cell.angle_beta   93.53
_cell.angle_gamma   90.00
#
_symmetry.space_group_name_H-M   'P 1 21 1'
#
loop_
_entity.id
_entity.type
_entity.pdbx_description
1 polymer 'Oxysterol-binding protein homolog 1'
2 water water
#
_entity_poly.entity_id   1
_entity_poly.type   'polypeptide(L)'
_entity_poly.pdbx_seq_one_letter_code
;SKPLLKLKLLDALRQGSFPNLQDLLKKQFQPLDDPNVQQVLHLMLHYAVQVAPMAVIKEIVHHWVSTTNTTFLNIHLDLN
ERDSNGNTPLHIAAYQSRGDIVAFLLDQPTINDCVLNNSHLQAIEMCKNLNIAQMMQVKRSTYVAETAQEFRTAFNNRDF
GHLESILSSPRNAELLDINGMDPETGDTVLHEFVKKRDVIMCRWLLEHGADPFKRDRKGKLPIELVRKVNENDTATNTKI
AIDIELKKLLERATREQSVIDVT
;
_entity_poly.pdbx_strand_id   A
#
# COMPACT_ATOMS: atom_id res chain seq x y z
N SER A 1 -34.66 -3.75 -6.68
CA SER A 1 -34.17 -2.46 -7.20
C SER A 1 -32.68 -2.52 -7.52
N LYS A 2 -31.93 -3.29 -6.73
CA LYS A 2 -30.50 -3.43 -6.99
C LYS A 2 -30.29 -4.15 -8.32
N PRO A 3 -31.01 -5.26 -8.55
CA PRO A 3 -30.86 -5.99 -9.82
C PRO A 3 -31.15 -5.07 -11.00
N LEU A 4 -32.11 -4.17 -10.83
CA LEU A 4 -32.45 -3.25 -11.89
C LEU A 4 -31.30 -2.28 -12.15
N LEU A 5 -30.70 -1.77 -11.06
CA LEU A 5 -29.59 -0.85 -11.21
C LEU A 5 -28.37 -1.51 -11.85
N LYS A 6 -28.14 -2.77 -11.52
CA LYS A 6 -27.01 -3.51 -12.08
C LYS A 6 -27.18 -3.73 -13.57
N LEU A 7 -28.37 -4.13 -13.98
CA LEU A 7 -28.65 -4.37 -15.39
C LEU A 7 -28.52 -3.07 -16.18
N LYS A 8 -29.02 -1.98 -15.58
CA LYS A 8 -28.98 -0.66 -16.18
C LYS A 8 -27.53 -0.21 -16.39
N LEU A 9 -26.71 -0.38 -15.36
CA LEU A 9 -25.32 0.02 -15.44
C LEU A 9 -24.54 -0.81 -16.46
N LEU A 10 -24.74 -2.13 -16.43
CA LEU A 10 -24.06 -2.99 -17.37
C LEU A 10 -24.42 -2.64 -18.82
N ASP A 11 -25.67 -2.27 -19.05
CA ASP A 11 -26.14 -1.92 -20.39
C ASP A 11 -25.39 -0.70 -20.90
N ALA A 12 -25.26 0.31 -20.04
CA ALA A 12 -24.57 1.53 -20.42
C ALA A 12 -23.07 1.27 -20.63
N LEU A 13 -22.49 0.44 -19.77
CA LEU A 13 -21.07 0.13 -19.89
C LEU A 13 -20.77 -0.62 -21.18
N ARG A 14 -21.62 -1.56 -21.56
CA ARG A 14 -21.41 -2.33 -22.77
C ARG A 14 -21.46 -1.44 -24.00
N GLN A 15 -22.33 -0.43 -23.96
CA GLN A 15 -22.46 0.49 -25.09
C GLN A 15 -21.17 1.27 -25.32
N GLY A 16 -20.36 1.39 -24.28
CA GLY A 16 -19.07 2.05 -24.39
C GLY A 16 -18.92 3.56 -24.48
N SER A 17 -19.95 4.33 -24.15
CA SER A 17 -19.84 5.79 -24.21
C SER A 17 -19.74 6.39 -22.81
N PHE A 18 -18.62 7.04 -22.51
CA PHE A 18 -18.50 7.63 -21.18
C PHE A 18 -19.48 8.79 -21.01
N PRO A 19 -19.61 9.67 -22.02
CA PRO A 19 -20.56 10.78 -21.86
C PRO A 19 -21.96 10.28 -21.51
N ASN A 20 -22.37 9.20 -22.15
CA ASN A 20 -23.69 8.60 -21.91
C ASN A 20 -23.77 8.04 -20.49
N LEU A 21 -22.70 7.39 -20.04
CA LEU A 21 -22.64 6.82 -18.70
C LEU A 21 -22.76 7.93 -17.66
N GLN A 22 -22.00 9.00 -17.87
CA GLN A 22 -21.98 10.14 -16.96
C GLN A 22 -23.38 10.72 -16.79
N ASP A 23 -24.10 10.86 -17.89
CA ASP A 23 -25.45 11.40 -17.84
C ASP A 23 -26.40 10.43 -17.16
N LEU A 24 -26.23 9.14 -17.42
CA LEU A 24 -27.07 8.10 -16.83
C LEU A 24 -26.95 8.12 -15.30
N LEU A 25 -25.72 8.19 -14.81
CA LEU A 25 -25.48 8.22 -13.37
C LEU A 25 -26.05 9.51 -12.76
N LYS A 26 -25.80 10.62 -13.44
CA LYS A 26 -26.26 11.93 -12.97
C LYS A 26 -27.78 12.03 -12.84
N LYS A 27 -28.51 11.37 -13.73
CA LYS A 27 -29.97 11.43 -13.69
C LYS A 27 -30.72 10.22 -13.11
N GLN A 28 -30.15 9.03 -13.26
CA GLN A 28 -30.83 7.84 -12.77
C GLN A 28 -30.28 7.20 -11.50
N PHE A 29 -29.00 7.44 -11.20
CA PHE A 29 -28.43 6.88 -9.99
C PHE A 29 -28.53 7.90 -8.86
N GLN A 30 -29.77 8.19 -8.48
CA GLN A 30 -30.08 9.15 -7.43
C GLN A 30 -31.22 8.55 -6.60
N PRO A 31 -31.34 8.93 -5.33
CA PRO A 31 -30.49 9.88 -4.61
C PRO A 31 -29.19 9.24 -4.12
N LEU A 32 -28.30 10.05 -3.56
CA LEU A 32 -27.02 9.58 -3.06
C LEU A 32 -27.17 8.72 -1.81
N ASP A 33 -28.29 8.85 -1.11
CA ASP A 33 -28.49 8.09 0.12
C ASP A 33 -29.26 6.78 -0.06
N ASP A 34 -29.41 6.33 -1.30
CA ASP A 34 -30.10 5.07 -1.54
C ASP A 34 -29.06 3.97 -1.44
N PRO A 35 -29.24 3.01 -0.53
CA PRO A 35 -28.30 1.91 -0.33
C PRO A 35 -27.98 1.12 -1.60
N ASN A 36 -29.00 0.80 -2.38
CA ASN A 36 -28.81 0.04 -3.61
C ASN A 36 -27.97 0.83 -4.60
N VAL A 37 -28.25 2.13 -4.71
CA VAL A 37 -27.51 2.99 -5.61
C VAL A 37 -26.03 2.97 -5.23
N GLN A 38 -25.76 3.13 -3.93
CA GLN A 38 -24.39 3.14 -3.43
C GLN A 38 -23.70 1.80 -3.67
N GLN A 39 -24.38 0.71 -3.35
CA GLN A 39 -23.79 -0.61 -3.52
C GLN A 39 -23.41 -0.94 -4.95
N VAL A 40 -24.25 -0.56 -5.91
CA VAL A 40 -23.96 -0.83 -7.31
C VAL A 40 -22.84 0.07 -7.81
N LEU A 41 -22.83 1.33 -7.38
CA LEU A 41 -21.78 2.25 -7.79
C LEU A 41 -20.42 1.77 -7.30
N HIS A 42 -20.37 1.20 -6.10
CA HIS A 42 -19.12 0.69 -5.55
C HIS A 42 -18.55 -0.45 -6.39
N LEU A 43 -19.40 -1.12 -7.16
CA LEU A 43 -18.94 -2.22 -8.00
C LEU A 43 -18.84 -1.82 -9.47
N MET A 44 -19.04 -0.54 -9.76
CA MET A 44 -18.98 -0.08 -11.14
C MET A 44 -17.66 -0.37 -11.84
N LEU A 45 -16.54 -0.16 -11.15
CA LEU A 45 -15.25 -0.42 -11.78
C LEU A 45 -15.09 -1.91 -12.08
N HIS A 46 -15.62 -2.77 -11.21
CA HIS A 46 -15.55 -4.21 -11.46
C HIS A 46 -16.31 -4.52 -12.74
N TYR A 47 -17.53 -4.00 -12.85
CA TYR A 47 -18.34 -4.25 -14.02
C TYR A 47 -17.74 -3.65 -15.29
N ALA A 48 -17.10 -2.50 -15.15
CA ALA A 48 -16.49 -1.86 -16.31
C ALA A 48 -15.32 -2.71 -16.82
N VAL A 49 -14.53 -3.25 -15.89
CA VAL A 49 -13.41 -4.09 -16.28
C VAL A 49 -13.92 -5.32 -17.05
N GLN A 50 -15.12 -5.77 -16.72
CA GLN A 50 -15.66 -6.93 -17.38
C GLN A 50 -16.27 -6.69 -18.76
N VAL A 51 -16.84 -5.52 -18.99
CA VAL A 51 -17.51 -5.27 -20.26
C VAL A 51 -17.19 -4.01 -21.07
N ALA A 52 -16.61 -3.00 -20.44
CA ALA A 52 -16.35 -1.74 -21.13
C ALA A 52 -15.01 -1.54 -21.83
N PRO A 53 -14.98 -0.61 -22.80
CA PRO A 53 -13.76 -0.30 -23.55
C PRO A 53 -12.77 0.42 -22.63
N MET A 54 -11.50 0.34 -22.98
CA MET A 54 -10.45 0.99 -22.20
C MET A 54 -10.74 2.47 -21.95
N ALA A 55 -11.23 3.16 -22.96
CA ALA A 55 -11.54 4.58 -22.84
C ALA A 55 -12.49 4.86 -21.67
N VAL A 56 -13.50 4.02 -21.53
CA VAL A 56 -14.48 4.17 -20.45
C VAL A 56 -13.86 3.87 -19.09
N ILE A 57 -13.08 2.80 -19.02
CA ILE A 57 -12.43 2.46 -17.76
C ILE A 57 -11.52 3.60 -17.31
N LYS A 58 -10.77 4.18 -18.26
CA LYS A 58 -9.89 5.28 -17.91
C LYS A 58 -10.66 6.49 -17.39
N GLU A 59 -11.75 6.84 -18.06
CA GLU A 59 -12.55 7.99 -17.65
C GLU A 59 -13.13 7.77 -16.25
N ILE A 60 -13.58 6.56 -15.96
CA ILE A 60 -14.14 6.27 -14.64
C ILE A 60 -13.09 6.49 -13.56
N VAL A 61 -11.90 5.97 -13.79
CA VAL A 61 -10.82 6.11 -12.82
C VAL A 61 -10.33 7.55 -12.65
N HIS A 62 -10.12 8.25 -13.76
CA HIS A 62 -9.65 9.62 -13.68
C HIS A 62 -10.68 10.60 -13.13
N HIS A 63 -11.95 10.29 -13.32
CA HIS A 63 -13.02 11.15 -12.83
C HIS A 63 -13.42 10.95 -11.38
N TRP A 64 -13.54 9.69 -10.97
CA TRP A 64 -14.04 9.41 -9.63
C TRP A 64 -13.21 8.70 -8.56
N VAL A 65 -11.90 8.60 -8.76
CA VAL A 65 -11.04 7.93 -7.79
C VAL A 65 -10.26 8.87 -6.87
N SER A 66 -9.63 9.90 -7.42
CA SER A 66 -8.83 10.83 -6.63
C SER A 66 -9.65 11.61 -5.59
N THR A 67 -9.25 11.47 -4.32
CA THR A 67 -9.94 12.13 -3.23
C THR A 67 -9.78 13.65 -3.21
N THR A 68 -8.82 14.17 -3.96
CA THR A 68 -8.59 15.61 -4.00
C THR A 68 -9.59 16.33 -4.89
N ASN A 69 -10.32 15.57 -5.70
CA ASN A 69 -11.28 16.16 -6.61
C ASN A 69 -12.74 15.93 -6.23
N THR A 70 -13.52 17.00 -6.27
CA THR A 70 -14.94 16.93 -5.97
C THR A 70 -15.65 16.67 -7.29
N THR A 71 -16.66 15.80 -7.27
CA THR A 71 -17.41 15.46 -8.48
C THR A 71 -18.90 15.35 -8.19
N PHE A 72 -19.70 15.19 -9.23
CA PHE A 72 -21.15 15.08 -9.07
C PHE A 72 -21.53 13.74 -8.44
N LEU A 73 -20.72 12.72 -8.72
CA LEU A 73 -20.96 11.38 -8.21
C LEU A 73 -20.99 11.38 -6.69
N ASN A 74 -20.21 12.26 -6.09
CA ASN A 74 -20.13 12.39 -4.64
C ASN A 74 -19.78 11.09 -3.92
N ILE A 75 -18.89 10.33 -4.55
CA ILE A 75 -18.41 9.07 -4.00
C ILE A 75 -17.02 8.88 -4.58
N HIS A 76 -16.04 8.60 -3.73
CA HIS A 76 -14.72 8.34 -4.26
C HIS A 76 -14.54 6.85 -4.38
N LEU A 77 -14.61 6.38 -5.62
CA LEU A 77 -14.48 4.96 -5.90
C LEU A 77 -13.13 4.45 -5.44
N ASP A 78 -13.15 3.27 -4.83
CA ASP A 78 -11.96 2.62 -4.32
C ASP A 78 -11.37 1.75 -5.43
N LEU A 79 -10.16 2.06 -5.85
CA LEU A 79 -9.51 1.29 -6.90
C LEU A 79 -9.31 -0.15 -6.42
N ASN A 80 -9.28 -0.33 -5.10
CA ASN A 80 -9.06 -1.63 -4.49
C ASN A 80 -10.29 -2.22 -3.82
N GLU A 81 -11.47 -1.80 -4.27
CA GLU A 81 -12.74 -2.28 -3.74
C GLU A 81 -12.80 -3.81 -3.84
N ARG A 82 -13.21 -4.47 -2.77
CA ARG A 82 -13.32 -5.94 -2.78
C ARG A 82 -14.78 -6.34 -2.91
N ASP A 83 -15.08 -7.25 -3.84
CA ASP A 83 -16.44 -7.74 -4.00
C ASP A 83 -16.72 -8.87 -3.03
N SER A 84 -17.84 -9.57 -3.18
CA SER A 84 -18.18 -10.66 -2.26
C SER A 84 -17.20 -11.83 -2.28
N ASN A 85 -16.36 -11.92 -3.30
CA ASN A 85 -15.36 -12.98 -3.39
C ASN A 85 -14.01 -12.46 -2.89
N GLY A 86 -13.99 -11.17 -2.52
CA GLY A 86 -12.76 -10.57 -2.06
C GLY A 86 -11.94 -10.08 -3.24
N ASN A 87 -12.49 -10.18 -4.44
CA ASN A 87 -11.77 -9.75 -5.64
C ASN A 87 -11.83 -8.25 -5.87
N THR A 88 -10.71 -7.70 -6.33
CA THR A 88 -10.59 -6.28 -6.64
C THR A 88 -10.69 -6.18 -8.16
N PRO A 89 -10.78 -4.95 -8.69
CA PRO A 89 -10.87 -4.81 -10.15
C PRO A 89 -9.64 -5.42 -10.82
N LEU A 90 -8.50 -5.33 -10.15
CA LEU A 90 -7.25 -5.89 -10.68
C LEU A 90 -7.35 -7.41 -10.78
N HIS A 91 -7.99 -8.05 -9.80
CA HIS A 91 -8.15 -9.51 -9.84
C HIS A 91 -8.99 -9.88 -11.06
N ILE A 92 -10.06 -9.13 -11.27
CA ILE A 92 -10.96 -9.40 -12.39
C ILE A 92 -10.26 -9.17 -13.73
N ALA A 93 -9.51 -8.08 -13.82
CA ALA A 93 -8.80 -7.76 -15.05
C ALA A 93 -7.76 -8.82 -15.39
N ALA A 94 -7.03 -9.29 -14.36
CA ALA A 94 -6.01 -10.31 -14.56
C ALA A 94 -6.64 -11.62 -15.01
N TYR A 95 -7.69 -12.04 -14.35
CA TYR A 95 -8.34 -13.28 -14.71
C TYR A 95 -8.93 -13.24 -16.12
N GLN A 96 -9.51 -12.11 -16.49
CA GLN A 96 -10.14 -11.97 -17.80
C GLN A 96 -9.16 -11.61 -18.91
N SER A 97 -7.87 -11.70 -18.59
CA SER A 97 -6.80 -11.43 -19.55
C SER A 97 -6.83 -10.06 -20.22
N ARG A 98 -7.19 -9.02 -19.47
CA ARG A 98 -7.20 -7.68 -20.04
C ARG A 98 -5.91 -7.02 -19.59
N GLY A 99 -4.84 -7.33 -20.33
CA GLY A 99 -3.51 -6.83 -20.01
C GLY A 99 -3.37 -5.33 -19.95
N ASP A 100 -4.05 -4.62 -20.84
CA ASP A 100 -3.96 -3.17 -20.85
C ASP A 100 -4.60 -2.56 -19.60
N ILE A 101 -5.68 -3.17 -19.11
CA ILE A 101 -6.34 -2.67 -17.91
C ILE A 101 -5.44 -2.96 -16.71
N VAL A 102 -4.83 -4.14 -16.71
CA VAL A 102 -3.92 -4.51 -15.63
C VAL A 102 -2.78 -3.51 -15.54
N ALA A 103 -2.15 -3.22 -16.67
CA ALA A 103 -1.03 -2.28 -16.68
C ALA A 103 -1.47 -0.89 -16.23
N PHE A 104 -2.64 -0.46 -16.69
CA PHE A 104 -3.16 0.85 -16.32
C PHE A 104 -3.39 0.93 -14.81
N LEU A 105 -4.05 -0.08 -14.26
CA LEU A 105 -4.32 -0.07 -12.83
C LEU A 105 -3.02 -0.08 -12.01
N LEU A 106 -2.03 -0.86 -12.46
CA LEU A 106 -0.76 -0.93 -11.74
C LEU A 106 0.01 0.39 -11.77
N ASP A 107 -0.36 1.29 -12.67
CA ASP A 107 0.32 2.58 -12.75
C ASP A 107 -0.39 3.67 -11.93
N GLN A 108 -1.51 3.33 -11.30
CA GLN A 108 -2.24 4.32 -10.53
C GLN A 108 -1.67 4.52 -9.13
N PRO A 109 -1.66 5.77 -8.65
CA PRO A 109 -1.14 6.15 -7.34
C PRO A 109 -1.68 5.36 -6.14
N THR A 110 -2.97 5.05 -6.16
CA THR A 110 -3.59 4.35 -5.04
C THR A 110 -3.77 2.85 -5.17
N ILE A 111 -3.22 2.25 -6.22
CA ILE A 111 -3.39 0.82 -6.41
C ILE A 111 -2.69 0.00 -5.32
N ASN A 112 -3.32 -1.11 -4.94
CA ASN A 112 -2.73 -2.03 -3.98
C ASN A 112 -2.84 -3.41 -4.60
N ASP A 113 -1.77 -3.84 -5.27
CA ASP A 113 -1.77 -5.14 -5.93
C ASP A 113 -1.52 -6.31 -4.99
N CYS A 114 -1.51 -6.06 -3.69
CA CYS A 114 -1.27 -7.13 -2.72
C CYS A 114 -2.53 -7.62 -2.03
N VAL A 115 -3.68 -7.07 -2.39
CA VAL A 115 -4.93 -7.49 -1.79
C VAL A 115 -5.20 -8.97 -2.07
N LEU A 116 -5.62 -9.70 -1.05
CA LEU A 116 -5.92 -11.12 -1.21
C LEU A 116 -7.44 -11.31 -1.27
N ASN A 117 -7.90 -12.18 -2.15
CA ASN A 117 -9.34 -12.44 -2.22
C ASN A 117 -9.67 -13.53 -1.18
N ASN A 118 -10.92 -13.98 -1.15
CA ASN A 118 -11.32 -14.99 -0.16
C ASN A 118 -10.56 -16.30 -0.27
N SER A 119 -10.04 -16.61 -1.45
CA SER A 119 -9.28 -17.82 -1.68
C SER A 119 -7.79 -17.60 -1.37
N HIS A 120 -7.49 -16.44 -0.80
CA HIS A 120 -6.13 -16.06 -0.42
C HIS A 120 -5.20 -15.83 -1.61
N LEU A 121 -5.77 -15.38 -2.71
CA LEU A 121 -5.00 -15.14 -3.92
C LEU A 121 -4.81 -13.66 -4.26
N GLN A 122 -3.64 -13.34 -4.78
CA GLN A 122 -3.35 -11.98 -5.22
C GLN A 122 -3.76 -11.95 -6.69
N ALA A 123 -3.98 -10.76 -7.23
CA ALA A 123 -4.39 -10.62 -8.61
C ALA A 123 -3.47 -11.34 -9.59
N ILE A 124 -2.16 -11.25 -9.37
CA ILE A 124 -1.22 -11.89 -10.28
C ILE A 124 -1.44 -13.40 -10.39
N GLU A 125 -1.92 -14.01 -9.32
CA GLU A 125 -2.18 -15.45 -9.30
C GLU A 125 -3.46 -15.82 -10.03
N MET A 126 -4.22 -14.82 -10.46
CA MET A 126 -5.47 -15.05 -11.18
C MET A 126 -5.20 -15.22 -12.68
N CYS A 127 -4.00 -14.83 -13.11
CA CYS A 127 -3.63 -14.91 -14.52
C CYS A 127 -3.53 -16.31 -15.10
N LYS A 128 -4.19 -16.50 -16.24
CA LYS A 128 -4.13 -17.76 -16.96
C LYS A 128 -3.05 -17.49 -18.01
N ASN A 129 -2.99 -16.24 -18.45
CA ASN A 129 -2.02 -15.77 -19.43
C ASN A 129 -0.76 -15.38 -18.66
N LEU A 130 0.27 -16.22 -18.72
CA LEU A 130 1.49 -15.94 -17.98
C LEU A 130 2.31 -14.76 -18.49
N ASN A 131 1.99 -14.29 -19.69
CA ASN A 131 2.67 -13.12 -20.23
C ASN A 131 2.17 -11.91 -19.43
N ILE A 132 0.89 -11.91 -19.09
CA ILE A 132 0.34 -10.83 -18.30
C ILE A 132 0.92 -10.95 -16.88
N ALA A 133 1.03 -12.17 -16.38
CA ALA A 133 1.59 -12.39 -15.04
C ALA A 133 3.03 -11.87 -15.00
N GLN A 134 3.80 -12.13 -16.04
CA GLN A 134 5.19 -11.67 -16.08
C GLN A 134 5.25 -10.15 -16.02
N MET A 135 4.36 -9.50 -16.77
CA MET A 135 4.32 -8.04 -16.78
C MET A 135 3.98 -7.50 -15.38
N MET A 136 3.08 -8.18 -14.68
CA MET A 136 2.71 -7.75 -13.34
C MET A 136 3.88 -7.92 -12.39
N GLN A 137 4.64 -9.00 -12.58
CA GLN A 137 5.79 -9.28 -11.73
C GLN A 137 6.88 -8.23 -11.93
N VAL A 138 7.13 -7.88 -13.19
CA VAL A 138 8.14 -6.88 -13.49
C VAL A 138 7.72 -5.51 -12.97
N LYS A 139 6.45 -5.15 -13.16
CA LYS A 139 5.98 -3.86 -12.66
C LYS A 139 6.08 -3.80 -11.15
N ARG A 140 5.76 -4.90 -10.48
CA ARG A 140 5.86 -4.91 -9.03
C ARG A 140 7.32 -4.77 -8.59
N SER A 141 8.22 -5.49 -9.26
CA SER A 141 9.63 -5.42 -8.89
C SER A 141 10.18 -4.02 -9.05
N THR A 142 9.74 -3.32 -10.10
CA THR A 142 10.18 -1.95 -10.33
C THR A 142 9.67 -1.06 -9.21
N TYR A 143 8.40 -1.22 -8.86
CA TYR A 143 7.81 -0.42 -7.79
C TYR A 143 8.52 -0.68 -6.46
N VAL A 144 8.83 -1.93 -6.19
CA VAL A 144 9.51 -2.29 -4.95
C VAL A 144 10.87 -1.59 -4.86
N ALA A 145 11.62 -1.61 -5.95
CA ALA A 145 12.92 -0.97 -5.97
C ALA A 145 12.81 0.54 -5.81
N GLU A 146 11.85 1.15 -6.50
CA GLU A 146 11.68 2.60 -6.40
C GLU A 146 11.21 3.02 -5.02
N THR A 147 10.38 2.19 -4.39
CA THR A 147 9.88 2.50 -3.05
C THR A 147 10.99 2.34 -2.01
N ALA A 148 11.90 1.39 -2.23
CA ALA A 148 13.01 1.21 -1.30
C ALA A 148 13.83 2.49 -1.35
N GLN A 149 14.00 3.02 -2.56
CA GLN A 149 14.73 4.26 -2.76
C GLN A 149 13.99 5.41 -2.08
N GLU A 150 12.67 5.47 -2.27
CA GLU A 150 11.88 6.53 -1.66
C GLU A 150 12.03 6.52 -0.15
N PHE A 151 12.01 5.33 0.43
CA PHE A 151 12.16 5.20 1.88
C PHE A 151 13.54 5.69 2.32
N ARG A 152 14.58 5.30 1.58
CA ARG A 152 15.95 5.74 1.90
C ARG A 152 16.06 7.26 1.83
N THR A 153 15.46 7.84 0.81
CA THR A 153 15.51 9.30 0.65
C THR A 153 14.86 9.96 1.85
N ALA A 154 13.67 9.48 2.21
CA ALA A 154 12.93 10.04 3.32
C ALA A 154 13.64 9.89 4.66
N PHE A 155 14.19 8.72 4.97
CA PHE A 155 14.84 8.62 6.26
C PHE A 155 16.22 9.26 6.28
N ASN A 156 16.92 9.27 5.16
CA ASN A 156 18.25 9.89 5.15
C ASN A 156 18.20 11.40 5.21
N ASN A 157 17.12 12.00 4.71
CA ASN A 157 17.00 13.45 4.78
C ASN A 157 16.18 13.80 6.02
N ARG A 158 15.83 12.77 6.79
CA ARG A 158 15.07 12.90 8.03
C ARG A 158 13.79 13.71 7.82
N ASP A 159 13.01 13.28 6.85
CA ASP A 159 11.75 13.93 6.49
C ASP A 159 10.61 13.09 7.05
N PHE A 160 10.17 13.41 8.27
CA PHE A 160 9.10 12.65 8.91
C PHE A 160 7.76 12.74 8.18
N GLY A 161 7.50 13.87 7.53
CA GLY A 161 6.26 13.99 6.78
C GLY A 161 6.23 12.97 5.66
N HIS A 162 7.33 12.89 4.92
CA HIS A 162 7.44 11.95 3.82
C HIS A 162 7.38 10.51 4.35
N LEU A 163 8.07 10.24 5.45
CA LEU A 163 8.06 8.90 6.04
C LEU A 163 6.65 8.48 6.42
N GLU A 164 5.87 9.42 6.94
CA GLU A 164 4.49 9.14 7.33
C GLU A 164 3.68 8.68 6.12
N SER A 165 3.85 9.38 5.01
CA SER A 165 3.13 9.03 3.78
C SER A 165 3.55 7.67 3.22
N ILE A 166 4.83 7.34 3.36
CA ILE A 166 5.33 6.07 2.86
C ILE A 166 4.80 4.88 3.65
N LEU A 167 4.91 4.95 4.97
CA LEU A 167 4.46 3.83 5.80
C LEU A 167 2.95 3.71 5.96
N SER A 168 2.22 4.78 5.67
CA SER A 168 0.77 4.74 5.79
C SER A 168 0.11 4.18 4.52
N SER A 169 0.91 3.97 3.49
CA SER A 169 0.42 3.43 2.22
C SER A 169 0.01 1.96 2.35
N PRO A 170 -1.25 1.64 2.00
CA PRO A 170 -1.70 0.26 2.10
C PRO A 170 -0.80 -0.72 1.31
N ARG A 171 -0.39 -0.29 0.12
CA ARG A 171 0.45 -1.14 -0.72
C ARG A 171 1.83 -1.35 -0.11
N ASN A 172 2.38 -0.33 0.53
CA ASN A 172 3.71 -0.46 1.12
C ASN A 172 3.72 -1.33 2.37
N ALA A 173 2.54 -1.54 2.97
CA ALA A 173 2.46 -2.38 4.16
C ALA A 173 3.04 -3.76 3.86
N GLU A 174 2.90 -4.21 2.62
CA GLU A 174 3.41 -5.53 2.22
C GLU A 174 4.60 -5.49 1.26
N LEU A 175 4.81 -4.36 0.58
CA LEU A 175 5.92 -4.27 -0.36
C LEU A 175 7.17 -3.56 0.15
N LEU A 176 7.08 -3.01 1.35
CA LEU A 176 8.22 -2.35 1.98
C LEU A 176 8.31 -2.89 3.40
N ASP A 177 9.32 -3.71 3.66
CA ASP A 177 9.52 -4.30 4.98
C ASP A 177 10.52 -3.47 5.76
N ILE A 178 10.02 -2.77 6.78
CA ILE A 178 10.87 -1.93 7.62
C ILE A 178 11.97 -2.76 8.28
N ASN A 179 11.72 -4.07 8.44
CA ASN A 179 12.69 -4.95 9.06
C ASN A 179 13.55 -5.73 8.07
N GLY A 180 13.34 -5.49 6.79
CA GLY A 180 14.11 -6.19 5.78
C GLY A 180 15.37 -5.46 5.36
N MET A 181 16.25 -6.16 4.66
CA MET A 181 17.49 -5.58 4.19
C MET A 181 17.22 -4.78 2.93
N ASP A 182 17.73 -3.56 2.88
CA ASP A 182 17.55 -2.70 1.72
C ASP A 182 18.22 -3.38 0.52
N PRO A 183 17.55 -3.38 -0.65
CA PRO A 183 18.11 -4.02 -1.85
C PRO A 183 19.40 -3.41 -2.42
N GLU A 184 19.67 -2.15 -2.09
CA GLU A 184 20.87 -1.48 -2.59
C GLU A 184 22.04 -1.46 -1.61
N THR A 185 21.75 -1.17 -0.34
CA THR A 185 22.79 -1.11 0.68
C THR A 185 22.91 -2.40 1.47
N GLY A 186 21.82 -3.16 1.53
CA GLY A 186 21.83 -4.39 2.29
C GLY A 186 21.63 -4.13 3.78
N ASP A 187 21.52 -2.86 4.15
CA ASP A 187 21.34 -2.49 5.55
C ASP A 187 19.89 -2.44 6.00
N THR A 188 19.69 -2.51 7.32
CA THR A 188 18.38 -2.45 7.93
C THR A 188 18.29 -1.10 8.63
N VAL A 189 17.18 -0.41 8.42
CA VAL A 189 17.02 0.95 8.92
C VAL A 189 17.20 1.22 10.42
N LEU A 190 16.59 0.42 11.29
CA LEU A 190 16.75 0.67 12.72
C LEU A 190 18.24 0.61 13.09
N HIS A 191 18.92 -0.43 12.63
CA HIS A 191 20.35 -0.59 12.92
C HIS A 191 21.15 0.63 12.49
N GLU A 192 20.85 1.14 11.30
CA GLU A 192 21.57 2.30 10.81
C GLU A 192 21.37 3.53 11.69
N PHE A 193 20.18 3.73 12.22
CA PHE A 193 19.97 4.88 13.08
C PHE A 193 20.49 4.70 14.49
N VAL A 194 20.69 3.44 14.89
CA VAL A 194 21.27 3.17 16.20
C VAL A 194 22.73 3.62 16.08
N LYS A 195 23.36 3.25 14.96
CA LYS A 195 24.76 3.62 14.72
C LYS A 195 24.90 5.13 14.56
N LYS A 196 23.87 5.78 14.01
CA LYS A 196 23.88 7.23 13.81
C LYS A 196 23.64 7.94 15.14
N ARG A 197 23.07 7.20 16.10
CA ARG A 197 22.78 7.71 17.43
C ARG A 197 21.65 8.76 17.43
N ASP A 198 20.75 8.64 16.46
CA ASP A 198 19.60 9.52 16.33
C ASP A 198 18.48 8.81 17.09
N VAL A 199 18.36 9.09 18.38
CA VAL A 199 17.36 8.43 19.21
C VAL A 199 15.91 8.71 18.81
N ILE A 200 15.61 9.94 18.41
CA ILE A 200 14.26 10.27 18.01
C ILE A 200 13.84 9.41 16.82
N MET A 201 14.72 9.28 15.83
CA MET A 201 14.39 8.45 14.67
C MET A 201 14.24 7.00 15.09
N CYS A 202 15.10 6.53 16.00
CA CYS A 202 14.99 5.15 16.47
C CYS A 202 13.62 4.93 17.10
N ARG A 203 13.19 5.87 17.95
CA ARG A 203 11.88 5.76 18.61
C ARG A 203 10.77 5.73 17.56
N TRP A 204 10.88 6.59 16.56
CA TRP A 204 9.87 6.65 15.50
C TRP A 204 9.79 5.32 14.75
N LEU A 205 10.95 4.77 14.42
CA LEU A 205 11.00 3.51 13.69
C LEU A 205 10.39 2.37 14.51
N LEU A 206 10.73 2.32 15.80
CA LEU A 206 10.20 1.28 16.67
C LEU A 206 8.68 1.37 16.76
N GLU A 207 8.15 2.59 16.84
CA GLU A 207 6.71 2.76 16.94
C GLU A 207 6.01 2.42 15.62
N HIS A 208 6.77 2.35 14.53
CA HIS A 208 6.19 2.02 13.24
C HIS A 208 6.49 0.61 12.74
N GLY A 209 6.83 -0.29 13.66
CA GLY A 209 7.08 -1.66 13.27
C GLY A 209 8.49 -2.22 13.35
N ALA A 210 9.49 -1.36 13.51
CA ALA A 210 10.86 -1.85 13.59
C ALA A 210 10.98 -2.82 14.76
N ASP A 211 11.59 -3.98 14.51
CA ASP A 211 11.76 -5.02 15.51
C ASP A 211 13.17 -5.08 16.10
N PRO A 212 13.31 -4.93 17.43
CA PRO A 212 14.63 -4.97 18.08
C PRO A 212 15.28 -6.36 18.05
N PHE A 213 14.51 -7.36 17.65
CA PHE A 213 15.00 -8.74 17.59
C PHE A 213 15.58 -9.06 16.21
N LYS A 214 15.38 -8.17 15.25
CA LYS A 214 15.86 -8.40 13.90
C LYS A 214 17.37 -8.21 13.74
N ARG A 215 18.00 -9.18 13.09
CA ARG A 215 19.44 -9.13 12.84
C ARG A 215 19.69 -8.63 11.42
N ASP A 216 20.63 -7.71 11.26
CA ASP A 216 20.93 -7.18 9.93
C ASP A 216 21.84 -8.12 9.16
N ARG A 217 22.33 -7.67 8.00
CA ARG A 217 23.18 -8.51 7.17
C ARG A 217 24.45 -9.00 7.84
N LYS A 218 24.88 -8.29 8.89
CA LYS A 218 26.09 -8.68 9.61
C LYS A 218 25.73 -9.55 10.81
N GLY A 219 24.45 -9.91 10.89
CA GLY A 219 23.97 -10.75 11.99
C GLY A 219 23.85 -10.02 13.31
N LYS A 220 23.93 -8.69 13.27
CA LYS A 220 23.86 -7.88 14.47
C LYS A 220 22.46 -7.40 14.86
N LEU A 221 22.21 -7.40 16.17
CA LEU A 221 20.95 -6.91 16.72
C LEU A 221 21.16 -5.42 16.93
N PRO A 222 20.09 -4.63 16.90
CA PRO A 222 20.23 -3.19 17.11
C PRO A 222 20.99 -2.85 18.41
N ILE A 223 20.68 -3.57 19.48
CA ILE A 223 21.31 -3.31 20.78
C ILE A 223 22.83 -3.54 20.77
N GLU A 224 23.30 -4.41 19.90
CA GLU A 224 24.72 -4.70 19.82
C GLU A 224 25.48 -3.62 19.06
N LEU A 225 24.75 -2.65 18.52
CA LEU A 225 25.35 -1.55 17.77
C LEU A 225 25.46 -0.28 18.61
N VAL A 226 25.02 -0.37 19.86
CA VAL A 226 25.10 0.74 20.78
C VAL A 226 26.53 0.75 21.31
N ARG A 227 27.07 1.93 21.60
CA ARG A 227 28.43 2.03 22.13
C ARG A 227 28.54 1.16 23.36
N LYS A 228 29.66 0.46 23.49
CA LYS A 228 29.87 -0.42 24.64
C LYS A 228 30.14 0.40 25.90
N VAL A 229 29.09 0.78 26.62
CA VAL A 229 29.26 1.54 27.85
C VAL A 229 28.67 0.81 29.04
N ASN A 230 29.23 1.05 30.22
CA ASN A 230 28.81 0.38 31.45
C ASN A 230 27.56 0.91 32.16
N GLU A 231 27.57 2.21 32.47
CA GLU A 231 26.48 2.85 33.22
C GLU A 231 25.05 2.65 32.69
N ASN A 232 24.09 2.66 33.63
CA ASN A 232 22.68 2.49 33.30
C ASN A 232 21.83 3.70 33.67
N ASP A 233 22.45 4.72 34.24
CA ASP A 233 21.74 5.93 34.64
C ASP A 233 22.43 7.17 34.07
N THR A 234 21.64 8.06 33.48
CA THR A 234 22.17 9.28 32.88
C THR A 234 22.71 10.31 33.88
N ALA A 235 22.28 10.21 35.13
CA ALA A 235 22.74 11.16 36.15
C ALA A 235 24.26 11.16 36.31
N THR A 236 24.86 12.32 36.11
CA THR A 236 26.31 12.52 36.18
C THR A 236 27.08 11.71 35.14
N ASN A 237 26.42 11.35 34.07
CA ASN A 237 27.05 10.59 32.99
C ASN A 237 26.71 11.31 31.70
N THR A 238 26.84 12.63 31.72
CA THR A 238 26.50 13.46 30.58
C THR A 238 27.19 13.13 29.25
N LYS A 239 28.46 12.71 29.30
CA LYS A 239 29.17 12.44 28.06
C LYS A 239 28.80 11.14 27.35
N ILE A 240 27.97 10.31 27.98
CA ILE A 240 27.52 9.07 27.37
C ILE A 240 26.01 8.93 27.55
N ALA A 241 25.35 10.07 27.83
CA ALA A 241 23.91 10.09 28.05
C ALA A 241 23.10 9.54 26.87
N ILE A 242 23.48 9.93 25.65
CA ILE A 242 22.77 9.46 24.47
C ILE A 242 22.85 7.94 24.34
N ASP A 243 24.02 7.39 24.60
CA ASP A 243 24.24 5.96 24.51
C ASP A 243 23.42 5.22 25.56
N ILE A 244 23.35 5.81 26.75
CA ILE A 244 22.56 5.21 27.82
C ILE A 244 21.09 5.24 27.43
N GLU A 245 20.64 6.36 26.88
CA GLU A 245 19.25 6.51 26.45
C GLU A 245 18.93 5.47 25.39
N LEU A 246 19.84 5.31 24.44
CA LEU A 246 19.64 4.37 23.35
C LEU A 246 19.59 2.93 23.85
N LYS A 247 20.45 2.58 24.79
CA LYS A 247 20.48 1.25 25.36
C LYS A 247 19.16 0.98 26.09
N LYS A 248 18.73 1.95 26.90
CA LYS A 248 17.48 1.82 27.64
C LYS A 248 16.29 1.68 26.71
N LEU A 249 16.29 2.44 25.62
CA LEU A 249 15.21 2.39 24.64
C LEU A 249 15.09 1.00 24.03
N LEU A 250 16.21 0.47 23.57
CA LEU A 250 16.21 -0.84 22.95
C LEU A 250 15.90 -1.97 23.93
N GLU A 251 16.31 -1.82 25.18
CA GLU A 251 16.02 -2.84 26.19
C GLU A 251 14.51 -2.87 26.45
N ARG A 252 13.93 -1.69 26.55
CA ARG A 252 12.49 -1.55 26.78
C ARG A 252 11.72 -2.10 25.58
N ALA A 253 12.17 -1.74 24.38
CA ALA A 253 11.52 -2.20 23.16
C ALA A 253 11.60 -3.71 23.03
N THR A 254 12.71 -4.29 23.49
CA THR A 254 12.88 -5.74 23.42
C THR A 254 11.84 -6.41 24.31
N ARG A 255 11.49 -5.76 25.42
CA ARG A 255 10.49 -6.30 26.34
C ARG A 255 9.08 -6.08 25.82
N GLU A 256 8.85 -4.93 25.18
CA GLU A 256 7.54 -4.56 24.66
C GLU A 256 7.15 -5.12 23.29
N GLN A 257 8.14 -5.40 22.44
CA GLN A 257 7.88 -5.89 21.08
C GLN A 257 6.72 -6.88 20.97
N SER A 258 6.75 -7.93 21.80
CA SER A 258 5.71 -8.95 21.82
C SER A 258 5.69 -9.90 20.62
N VAL A 259 5.76 -9.36 19.41
CA VAL A 259 5.76 -10.19 18.22
C VAL A 259 7.09 -10.09 17.47
N ILE A 260 7.86 -11.17 17.53
CA ILE A 260 9.17 -11.25 16.89
C ILE A 260 9.02 -11.55 15.40
N ASP A 261 9.74 -10.82 14.56
CA ASP A 261 9.67 -11.08 13.13
C ASP A 261 10.33 -12.43 12.88
N VAL A 262 9.65 -13.30 12.13
CA VAL A 262 10.17 -14.63 11.83
C VAL A 262 10.48 -14.77 10.35
N THR A 263 11.73 -15.12 10.04
CA THR A 263 12.17 -15.31 8.66
C THR A 263 13.12 -16.51 8.58
#